data_7QW6
#
_entry.id   7QW6
#
_cell.length_a   87.721
_cell.length_b   87.721
_cell.length_c   156.093
_cell.angle_alpha   90.000
_cell.angle_beta   90.000
_cell.angle_gamma   120.000
#
_symmetry.space_group_name_H-M   'P 61'
#
loop_
_entity.id
_entity.type
_entity.pdbx_description
1 polymer 'Modification methylase BseCI'
2 polymer 'Hemimethylated DNA duplex'
3 polymer 'Hemimethylated DNA duplex'
4 non-polymer S-ADENOSYL-L-HOMOCYSTEINE
5 water water
#
loop_
_entity_poly.entity_id
_entity_poly.type
_entity_poly.pdbx_seq_one_letter_code
_entity_poly.pdbx_strand_id
1 'polypeptide(L)'
;MMSVQKANTVSRQKATGAHFTPDKLAEVIAKRILDYFKGEKNRVIRVLDPACGDGELLLAINKVAQSMNIQLELIGVDFD
IDAINIANERLSRSGHKNFRLINKDFLEMVSEGDNYDLFNIEELEPVDIIIANPPYVRTQILGAEKAQKLREKFNLKGRV
DLYQAFLVAMTQQLKSNGIIGVITSNRYLTTKGGESTRKFLVSNFNILEIMDLGDSKFFEAAVLPAIFFGEKKNKEYQKE
NSNVPKFFKIYEQSDIEASSSVNSEFNSLIELLEVNKSGLYSVEDKTYSISLGKIISPENYKEPWILATEDEYEWFMKVN
QNAYGFIEDFAHVKVGIKTTADSVFIRSDWGELPEEQIPEDKLLRPIISADQANKWSVSLVGNNKKVLYTHEIRDGQIKA
INLEEFPRAKNYLESHKERLASRKYVLKANRNWYEIWVPHDPSLWDKPKIIFPDTSPEPKFFYEDKGSVVDGNCYWIIPK
KENSNDILFLIMGICNSKFMSKYHDIAFQNKLYAGRRRYLTQYVNKYPIPDPESIYSKEIISLVRELVNNKKETQDINEI
ENRIEKLILRAFDIESLKYHHHHHH
;
A
2 'polydeoxyribonucleotide' (DC)(DG)(DA)(DT)(DC)(DG)(DA)(DT)(DG)(DC) Z
3 'polydeoxyribonucleotide' (DG)(DC)(DA)(DT)(DC)(DG)(6MA)(DT)(DC)(DG) Y
#
# COMPACT_ATOMS: atom_id res chain seq x y z
N THR A 9 -12.86 5.65 20.64
CA THR A 9 -12.87 5.35 19.21
C THR A 9 -11.56 4.66 18.80
N VAL A 10 -10.46 5.07 19.42
CA VAL A 10 -9.14 4.48 19.17
C VAL A 10 -8.78 3.65 20.39
N SER A 11 -8.75 2.33 20.21
CA SER A 11 -8.43 1.43 21.31
C SER A 11 -6.98 1.59 21.73
N ARG A 12 -6.71 1.17 22.99
CA ARG A 12 -5.33 1.19 23.48
C ARG A 12 -4.45 0.25 22.68
N GLN A 13 -5.01 -0.86 22.19
CA GLN A 13 -4.26 -1.72 21.28
C GLN A 13 -3.95 -1.03 19.97
N LYS A 14 -4.85 -0.17 19.48
CA LYS A 14 -4.62 0.55 18.24
C LYS A 14 -3.54 1.61 18.41
N ALA A 15 -3.63 2.43 19.46
CA ALA A 15 -2.70 3.54 19.63
C ALA A 15 -1.31 3.06 20.03
N THR A 16 -1.22 1.94 20.74
CA THR A 16 0.07 1.41 21.18
C THR A 16 0.59 0.28 20.30
N GLY A 17 -0.20 -0.17 19.32
CA GLY A 17 0.24 -1.22 18.41
C GLY A 17 0.59 -2.52 19.09
N ALA A 18 -0.24 -2.96 20.05
CA ALA A 18 0.06 -4.14 20.87
C ALA A 18 -0.57 -5.39 20.24
N HIS A 19 0.15 -5.94 19.27
CA HIS A 19 -0.24 -7.20 18.62
C HIS A 19 0.94 -8.15 18.70
N PHE A 20 0.76 -9.27 19.40
CA PHE A 20 1.86 -10.17 19.69
C PHE A 20 2.07 -11.17 18.54
N THR A 21 3.32 -11.51 18.31
CA THR A 21 3.67 -12.45 17.24
C THR A 21 3.22 -13.85 17.62
N PRO A 22 2.53 -14.57 16.74
CA PRO A 22 2.11 -15.95 17.06
C PRO A 22 3.30 -16.86 17.38
N ASP A 23 2.97 -18.01 17.97
CA ASP A 23 3.99 -18.95 18.43
C ASP A 23 4.89 -19.41 17.28
N LYS A 24 4.28 -20.03 16.25
CA LYS A 24 5.07 -20.67 15.22
C LYS A 24 5.76 -19.66 14.31
N LEU A 25 5.15 -18.49 14.11
CA LEU A 25 5.79 -17.48 13.26
C LEU A 25 7.04 -16.92 13.92
N ALA A 26 7.01 -16.75 15.24
CA ALA A 26 8.20 -16.28 15.94
C ALA A 26 9.34 -17.27 15.80
N GLU A 27 9.03 -18.57 15.83
CA GLU A 27 10.06 -19.59 15.68
C GLU A 27 10.70 -19.53 14.30
N VAL A 28 9.91 -19.23 13.27
CA VAL A 28 10.45 -19.13 11.91
C VAL A 28 11.46 -18.00 11.83
N ILE A 29 11.12 -16.84 12.42
CA ILE A 29 12.04 -15.71 12.40
C ILE A 29 13.32 -16.04 13.16
N ALA A 30 13.19 -16.74 14.29
CA ALA A 30 14.35 -17.05 15.11
C ALA A 30 15.30 -18.01 14.40
N LYS A 31 14.74 -19.02 13.72
CA LYS A 31 15.59 -19.98 13.00
C LYS A 31 16.38 -19.30 11.90
N ARG A 32 15.75 -18.39 11.16
CA ARG A 32 16.44 -17.70 10.07
C ARG A 32 17.52 -16.75 10.59
N ILE A 33 17.30 -16.14 11.76
CA ILE A 33 18.30 -15.23 12.32
C ILE A 33 19.56 -15.99 12.67
N LEU A 34 19.44 -17.04 13.48
CA LEU A 34 20.61 -17.79 13.93
C LEU A 34 21.30 -18.52 12.78
N ASP A 35 20.61 -18.78 11.67
CA ASP A 35 21.25 -19.33 10.49
C ASP A 35 22.05 -18.26 9.75
N TYR A 36 21.59 -17.02 9.76
CA TYR A 36 22.32 -15.93 9.12
C TYR A 36 23.45 -15.40 9.98
N PHE A 37 23.45 -15.70 11.29
CA PHE A 37 24.42 -15.14 12.20
C PHE A 37 25.80 -15.73 11.90
N LYS A 38 26.72 -14.88 11.44
CA LYS A 38 28.10 -15.27 11.17
C LYS A 38 29.02 -14.92 12.32
N GLY A 39 28.48 -14.55 13.48
CA GLY A 39 29.29 -14.15 14.61
C GLY A 39 30.03 -15.30 15.25
N GLU A 40 30.51 -15.08 16.49
CA GLU A 40 31.39 -16.04 17.13
C GLU A 40 30.63 -17.31 17.51
N LYS A 41 29.48 -17.15 18.14
CA LYS A 41 28.57 -18.24 18.53
C LYS A 41 29.13 -19.15 19.61
N ASN A 42 30.19 -18.76 20.31
CA ASN A 42 30.67 -19.52 21.45
C ASN A 42 30.81 -18.69 22.72
N ARG A 43 30.60 -17.37 22.64
CA ARG A 43 30.50 -16.51 23.80
C ARG A 43 29.03 -16.19 24.06
N VAL A 44 28.77 -15.34 25.04
CA VAL A 44 27.41 -14.88 25.31
C VAL A 44 27.01 -13.87 24.24
N ILE A 45 25.94 -14.18 23.52
CA ILE A 45 25.42 -13.30 22.48
C ILE A 45 24.32 -12.44 23.08
N ARG A 46 24.40 -11.13 22.85
CA ARG A 46 23.40 -10.20 23.34
C ARG A 46 22.29 -10.01 22.32
N VAL A 47 21.05 -10.21 22.76
CA VAL A 47 19.87 -10.15 21.90
C VAL A 47 18.94 -9.07 22.41
N LEU A 48 18.41 -8.25 21.51
CA LEU A 48 17.54 -7.13 21.86
C LEU A 48 16.20 -7.26 21.16
N ASP A 49 15.13 -7.10 21.93
CA ASP A 49 13.79 -6.91 21.40
C ASP A 49 13.30 -5.54 21.87
N PRO A 50 13.26 -4.53 20.99
CA PRO A 50 12.99 -3.15 21.43
C PRO A 50 11.53 -2.87 21.75
N ALA A 51 10.64 -3.86 21.60
CA ALA A 51 9.22 -3.71 21.90
C ALA A 51 8.72 -5.13 22.21
N CYS A 52 9.15 -5.66 23.35
CA CYS A 52 9.13 -7.10 23.60
C CYS A 52 7.75 -7.64 23.94
N GLY A 53 6.78 -6.80 24.26
CA GLY A 53 5.45 -7.30 24.60
C GLY A 53 5.53 -8.28 25.75
N ASP A 54 4.89 -9.44 25.59
CA ASP A 54 4.92 -10.49 26.60
C ASP A 54 6.11 -11.42 26.44
N GLY A 55 7.15 -10.98 25.73
CA GLY A 55 8.39 -11.75 25.62
C GLY A 55 8.36 -12.89 24.63
N GLU A 56 7.50 -12.82 23.61
CA GLU A 56 7.33 -13.96 22.71
C GLU A 56 8.57 -14.18 21.85
N LEU A 57 9.10 -13.11 21.25
CA LEU A 57 10.24 -13.25 20.34
C LEU A 57 11.50 -13.67 21.10
N LEU A 58 11.68 -13.14 22.31
CA LEU A 58 12.85 -13.51 23.11
C LEU A 58 12.78 -14.97 23.54
N LEU A 59 11.57 -15.47 23.82
CA LEU A 59 11.42 -16.89 24.14
C LEU A 59 11.75 -17.75 22.92
N ALA A 60 11.33 -17.32 21.74
CA ALA A 60 11.54 -18.14 20.53
C ALA A 60 13.01 -18.23 20.18
N ILE A 61 13.74 -17.10 20.24
CA ILE A 61 15.13 -17.14 19.84
C ILE A 61 15.98 -17.88 20.87
N ASN A 62 15.57 -17.87 22.14
CA ASN A 62 16.32 -18.61 23.15
C ASN A 62 16.05 -20.10 23.04
N LYS A 63 14.82 -20.48 22.70
CA LYS A 63 14.50 -21.90 22.51
C LYS A 63 15.30 -22.48 21.35
N VAL A 64 15.48 -21.71 20.27
CA VAL A 64 16.29 -22.16 19.15
C VAL A 64 17.76 -22.17 19.53
N ALA A 65 18.23 -21.13 20.24
CA ALA A 65 19.63 -21.04 20.58
C ALA A 65 20.06 -22.11 21.58
N GLN A 66 19.16 -22.51 22.48
CA GLN A 66 19.49 -23.58 23.42
C GLN A 66 19.62 -24.93 22.71
N SER A 67 18.90 -25.11 21.61
CA SER A 67 19.09 -26.31 20.80
C SER A 67 20.48 -26.34 20.18
N MET A 68 20.98 -25.18 19.73
CA MET A 68 22.33 -25.05 19.20
C MET A 68 23.37 -24.87 20.29
N ASN A 69 22.98 -25.04 21.55
CA ASN A 69 23.90 -24.90 22.69
C ASN A 69 24.57 -23.52 22.72
N ILE A 70 23.79 -22.49 22.43
CA ILE A 70 24.25 -21.11 22.43
C ILE A 70 23.66 -20.40 23.63
N GLN A 71 24.49 -19.65 24.35
CA GLN A 71 24.03 -18.86 25.49
C GLN A 71 23.69 -17.45 25.05
N LEU A 72 22.50 -16.98 25.43
CA LEU A 72 22.03 -15.66 25.04
C LEU A 72 21.81 -14.80 26.28
N GLU A 73 22.03 -13.49 26.11
CA GLU A 73 21.62 -12.49 27.07
C GLU A 73 20.41 -11.78 26.48
N LEU A 74 19.24 -12.06 27.03
CA LEU A 74 17.98 -11.55 26.47
C LEU A 74 17.68 -10.17 27.05
N ILE A 75 17.47 -9.20 26.18
CA ILE A 75 17.13 -7.84 26.57
C ILE A 75 15.81 -7.46 25.91
N GLY A 76 14.85 -7.04 26.71
CA GLY A 76 13.57 -6.59 26.21
C GLY A 76 13.22 -5.22 26.71
N VAL A 77 12.70 -4.38 25.82
CA VAL A 77 12.25 -3.04 26.16
C VAL A 77 10.77 -2.93 25.81
N ASP A 78 10.01 -2.29 26.70
CA ASP A 78 8.60 -2.02 26.41
C ASP A 78 8.13 -0.92 27.35
N PHE A 79 7.41 0.05 26.79
CA PHE A 79 7.00 1.20 27.59
C PHE A 79 5.74 0.93 28.41
N ASP A 80 5.11 -0.23 28.25
CA ASP A 80 3.94 -0.62 29.03
C ASP A 80 4.39 -1.55 30.15
N ILE A 81 4.11 -1.16 31.40
CA ILE A 81 4.51 -1.98 32.54
C ILE A 81 3.78 -3.32 32.54
N ASP A 82 2.53 -3.35 32.06
CA ASP A 82 1.79 -4.60 32.02
C ASP A 82 2.49 -5.63 31.13
N ALA A 83 3.01 -5.19 29.99
CA ALA A 83 3.79 -6.09 29.14
C ALA A 83 5.08 -6.52 29.82
N ILE A 84 5.75 -5.60 30.52
CA ILE A 84 6.98 -5.95 31.23
C ILE A 84 6.69 -6.98 32.32
N ASN A 85 5.59 -6.80 33.05
CA ASN A 85 5.28 -7.70 34.15
C ASN A 85 4.99 -9.11 33.66
N ILE A 86 4.26 -9.24 32.55
CA ILE A 86 3.94 -10.57 32.05
C ILE A 86 5.15 -11.21 31.40
N ALA A 87 5.98 -10.41 30.72
CA ALA A 87 7.18 -10.94 30.09
C ALA A 87 8.19 -11.40 31.13
N ASN A 88 8.29 -10.67 32.25
CA ASN A 88 9.16 -11.11 33.33
C ASN A 88 8.70 -12.46 33.89
N GLU A 89 7.40 -12.64 34.04
CA GLU A 89 6.88 -13.91 34.54
C GLU A 89 7.15 -15.04 33.57
N ARG A 90 6.96 -14.80 32.27
CA ARG A 90 7.17 -15.85 31.28
C ARG A 90 8.66 -16.19 31.14
N LEU A 91 9.52 -15.17 31.12
CA LEU A 91 10.96 -15.44 31.00
C LEU A 91 11.49 -16.13 32.23
N SER A 92 11.01 -15.76 33.41
CA SER A 92 11.46 -16.41 34.64
C SER A 92 11.05 -17.87 34.68
N ARG A 93 9.81 -18.18 34.27
CA ARG A 93 9.35 -19.56 34.30
C ARG A 93 10.01 -20.42 33.24
N SER A 94 10.59 -19.81 32.20
CA SER A 94 11.22 -20.59 31.14
C SER A 94 12.48 -21.30 31.62
N GLY A 95 13.05 -20.88 32.75
CA GLY A 95 14.30 -21.42 33.25
C GLY A 95 15.52 -20.59 32.93
N HIS A 96 15.44 -19.70 31.94
CA HIS A 96 16.57 -18.87 31.55
C HIS A 96 16.75 -17.70 32.52
N LYS A 97 17.96 -17.56 33.05
CA LYS A 97 18.23 -16.55 34.07
C LYS A 97 18.91 -15.30 33.52
N ASN A 98 19.57 -15.39 32.36
CA ASN A 98 20.30 -14.24 31.82
C ASN A 98 19.38 -13.43 30.91
N PHE A 99 18.43 -12.74 31.55
CA PHE A 99 17.54 -11.84 30.83
C PHE A 99 17.37 -10.55 31.62
N ARG A 100 16.85 -9.53 30.94
CA ARG A 100 16.75 -8.18 31.51
C ARG A 100 15.69 -7.40 30.76
N LEU A 101 14.73 -6.83 31.49
CA LEU A 101 13.62 -6.09 30.90
C LEU A 101 13.61 -4.66 31.41
N ILE A 102 13.36 -3.72 30.49
CA ILE A 102 13.42 -2.30 30.78
C ILE A 102 12.09 -1.65 30.42
N ASN A 103 11.49 -0.95 31.37
CA ASN A 103 10.23 -0.24 31.18
C ASN A 103 10.53 1.19 30.78
N LYS A 104 10.51 1.47 29.48
CA LYS A 104 10.79 2.81 28.99
C LYS A 104 10.34 2.93 27.54
N ASP A 105 10.20 4.18 27.10
CA ASP A 105 10.00 4.47 25.68
C ASP A 105 11.31 4.27 24.94
N PHE A 106 11.34 3.30 24.02
CA PHE A 106 12.58 2.97 23.32
C PHE A 106 13.03 4.11 22.40
N LEU A 107 12.10 4.89 21.88
CA LEU A 107 12.45 6.00 21.00
C LEU A 107 13.03 7.19 21.75
N GLU A 108 12.93 7.22 23.08
CA GLU A 108 13.51 8.27 23.91
C GLU A 108 12.95 9.64 23.55
N MET A 109 11.63 9.76 23.55
CA MET A 109 10.98 11.02 23.20
C MET A 109 10.75 11.87 24.44
N GLU A 122 20.52 3.80 33.14
CA GLU A 122 19.96 4.37 31.93
C GLU A 122 21.01 4.41 30.82
N GLU A 123 21.25 3.24 30.22
CA GLU A 123 22.18 3.08 29.11
C GLU A 123 22.04 1.66 28.57
N LEU A 124 22.50 1.45 27.33
CA LEU A 124 22.46 0.12 26.72
C LEU A 124 23.56 0.05 25.68
N GLU A 125 24.53 -0.85 25.89
CA GLU A 125 25.57 -1.04 24.90
C GLU A 125 25.05 -1.84 23.72
N PRO A 126 25.65 -1.69 22.54
CA PRO A 126 25.09 -2.32 21.34
C PRO A 126 25.04 -3.84 21.44
N VAL A 127 24.14 -4.43 20.67
CA VAL A 127 23.86 -5.86 20.74
C VAL A 127 24.25 -6.54 19.43
N ASP A 128 24.39 -7.86 19.50
CA ASP A 128 24.76 -8.68 18.34
C ASP A 128 23.55 -9.08 17.50
N ILE A 129 22.37 -9.19 18.09
CA ILE A 129 21.19 -9.68 17.39
C ILE A 129 19.99 -8.82 17.79
N ILE A 130 19.14 -8.51 16.81
CA ILE A 130 17.87 -7.85 17.07
C ILE A 130 16.77 -8.69 16.44
N ILE A 131 15.79 -9.09 17.24
CA ILE A 131 14.58 -9.75 16.77
C ILE A 131 13.41 -8.89 17.23
N ALA A 132 12.59 -8.46 16.28
CA ALA A 132 11.65 -7.38 16.59
C ALA A 132 10.36 -7.51 15.81
N ASN A 133 9.28 -7.08 16.46
CA ASN A 133 7.99 -6.82 15.81
C ASN A 133 7.46 -5.52 16.38
N PRO A 134 7.92 -4.39 15.85
CA PRO A 134 7.57 -3.09 16.44
C PRO A 134 6.10 -2.77 16.19
N PRO A 135 5.54 -1.81 16.91
CA PRO A 135 4.14 -1.45 16.69
C PRO A 135 3.95 -0.68 15.39
N TYR A 136 2.81 -0.90 14.74
CA TYR A 136 2.46 -0.19 13.51
C TYR A 136 1.37 0.81 13.88
N VAL A 137 1.71 2.09 13.93
CA VAL A 137 0.76 3.15 14.24
C VAL A 137 0.83 4.18 13.13
N ARG A 138 -0.30 4.43 12.47
CA ARG A 138 -0.31 5.32 11.33
C ARG A 138 -0.16 6.77 11.80
N THR A 139 0.05 7.66 10.82
CA THR A 139 0.28 9.06 11.14
C THR A 139 -0.96 9.70 11.77
N GLN A 140 -2.16 9.33 11.31
CA GLN A 140 -3.38 9.89 11.87
C GLN A 140 -3.51 9.56 13.36
N ILE A 141 -3.13 8.35 13.76
CA ILE A 141 -3.22 7.96 15.16
C ILE A 141 -2.10 8.59 15.98
N LEU A 142 -0.91 8.74 15.38
CA LEU A 142 0.17 9.43 16.06
C LEU A 142 -0.15 10.91 16.26
N GLY A 143 -0.95 11.49 15.39
CA GLY A 143 -1.15 12.93 15.41
C GLY A 143 -0.04 13.65 14.67
N ALA A 144 -0.40 14.80 14.09
CA ALA A 144 0.55 15.55 13.28
C ALA A 144 1.73 16.05 14.09
N GLU A 145 1.52 16.37 15.37
CA GLU A 145 2.58 16.95 16.18
C GLU A 145 3.65 15.91 16.51
N LYS A 146 3.23 14.74 17.00
CA LYS A 146 4.19 13.69 17.32
C LYS A 146 4.84 13.14 16.06
N ALA A 147 4.15 13.19 14.92
CA ALA A 147 4.73 12.71 13.68
C ALA A 147 5.87 13.60 13.21
N GLN A 148 5.74 14.92 13.42
CA GLN A 148 6.80 15.84 13.05
C GLN A 148 8.06 15.58 13.88
N LYS A 149 7.90 15.29 15.16
CA LYS A 149 9.05 15.02 16.01
C LYS A 149 9.76 13.74 15.59
N LEU A 150 8.99 12.71 15.23
CA LEU A 150 9.61 11.46 14.78
C LEU A 150 10.37 11.66 13.48
N ARG A 151 9.82 12.45 12.56
CA ARG A 151 10.51 12.72 11.31
C ARG A 151 11.81 13.48 11.55
N GLU A 152 11.78 14.51 12.40
CA GLU A 152 12.97 15.30 12.66
C GLU A 152 14.02 14.51 13.43
N LYS A 153 13.60 13.64 14.34
CA LYS A 153 14.55 12.88 15.16
C LYS A 153 15.17 11.73 14.39
N PHE A 154 14.38 11.03 13.57
CA PHE A 154 14.87 9.84 12.88
C PHE A 154 15.01 10.04 11.38
N ASN A 155 14.99 11.29 10.91
CA ASN A 155 15.29 11.61 9.51
C ASN A 155 14.36 10.86 8.55
N LEU A 156 13.06 11.01 8.77
CA LEU A 156 12.04 10.35 7.97
C LEU A 156 11.19 11.39 7.25
N LYS A 157 10.50 10.94 6.21
CA LYS A 157 9.71 11.84 5.38
C LYS A 157 8.36 11.20 5.07
N GLY A 158 7.38 12.04 4.79
CA GLY A 158 6.07 11.58 4.38
C GLY A 158 5.17 11.26 5.56
N ARG A 159 4.18 10.40 5.27
CA ARG A 159 3.22 9.95 6.28
C ARG A 159 3.88 8.84 7.10
N VAL A 160 4.68 9.26 8.08
CA VAL A 160 5.50 8.34 8.85
C VAL A 160 4.62 7.39 9.66
N ASP A 161 5.07 6.15 9.76
CA ASP A 161 4.50 5.15 10.65
C ASP A 161 5.49 4.87 11.77
N LEU A 162 4.96 4.40 12.91
CA LEU A 162 5.80 4.21 14.08
C LEU A 162 6.88 3.16 13.85
N TYR A 163 6.56 2.09 13.12
CA TYR A 163 7.53 1.03 12.91
C TYR A 163 8.73 1.54 12.12
N GLN A 164 8.53 2.57 11.29
CA GLN A 164 9.65 3.15 10.55
C GLN A 164 10.63 3.83 11.48
N ALA A 165 10.13 4.56 12.48
CA ALA A 165 11.01 5.16 13.47
C ALA A 165 11.71 4.10 14.31
N PHE A 166 11.00 3.02 14.64
CA PHE A 166 11.64 1.92 15.36
C PHE A 166 12.75 1.30 14.53
N LEU A 167 12.54 1.17 13.22
CA LEU A 167 13.56 0.59 12.35
C LEU A 167 14.86 1.37 12.42
N VAL A 168 14.78 2.70 12.34
CA VAL A 168 15.97 3.52 12.50
C VAL A 168 16.51 3.44 13.92
N ALA A 169 15.61 3.51 14.91
CA ALA A 169 16.04 3.50 16.30
C ALA A 169 16.75 2.20 16.67
N MET A 170 16.16 1.06 16.30
CA MET A 170 16.76 -0.21 16.69
C MET A 170 18.04 -0.49 15.90
N THR A 171 18.11 -0.04 14.64
CA THR A 171 19.33 -0.22 13.85
C THR A 171 20.52 0.47 14.52
N GLN A 172 20.30 1.64 15.09
CA GLN A 172 21.37 2.38 15.74
C GLN A 172 21.86 1.71 17.02
N GLN A 173 21.18 0.66 17.48
CA GLN A 173 21.60 -0.10 18.65
C GLN A 173 22.28 -1.41 18.30
N LEU A 174 22.51 -1.66 17.01
CA LEU A 174 23.07 -2.92 16.54
C LEU A 174 24.55 -2.74 16.20
N LYS A 175 25.37 -3.68 16.66
CA LYS A 175 26.78 -3.67 16.30
C LYS A 175 26.94 -3.92 14.80
N SER A 176 28.04 -3.43 14.25
CA SER A 176 28.38 -3.77 12.88
C SER A 176 28.56 -5.28 12.75
N ASN A 177 28.09 -5.83 11.64
CA ASN A 177 28.00 -7.26 11.34
C ASN A 177 26.97 -7.97 12.19
N GLY A 178 26.20 -7.26 13.01
CA GLY A 178 25.09 -7.88 13.71
C GLY A 178 23.95 -8.19 12.76
N ILE A 179 23.10 -9.14 13.18
CA ILE A 179 21.98 -9.62 12.37
C ILE A 179 20.68 -9.06 12.93
N ILE A 180 19.80 -8.62 12.04
CA ILE A 180 18.48 -8.17 12.42
C ILE A 180 17.44 -9.05 11.75
N GLY A 181 16.42 -9.43 12.50
CA GLY A 181 15.22 -10.04 11.94
C GLY A 181 14.02 -9.31 12.49
N VAL A 182 13.33 -8.55 11.64
CA VAL A 182 12.26 -7.67 12.11
C VAL A 182 11.08 -7.80 11.16
N ILE A 183 9.89 -7.97 11.72
CA ILE A 183 8.66 -8.10 10.95
C ILE A 183 7.86 -6.81 11.12
N THR A 184 7.43 -6.23 10.01
CA THR A 184 6.67 -4.99 10.00
C THR A 184 5.56 -5.12 8.98
N SER A 185 4.83 -4.03 8.75
CA SER A 185 3.93 -3.94 7.60
C SER A 185 4.75 -3.87 6.31
N ASN A 186 4.29 -4.57 5.28
CA ASN A 186 5.04 -4.61 4.02
C ASN A 186 4.91 -3.32 3.21
N ARG A 187 4.25 -2.30 3.74
CA ARG A 187 3.87 -1.16 2.94
C ARG A 187 5.03 -0.24 2.60
N TYR A 188 6.15 -0.34 3.33
CA TYR A 188 7.33 0.42 2.95
C TYR A 188 7.91 -0.07 1.63
N LEU A 189 7.51 -1.27 1.18
CA LEU A 189 8.06 -1.82 -0.05
C LEU A 189 7.49 -1.14 -1.29
N THR A 190 6.28 -0.59 -1.21
CA THR A 190 5.60 -0.09 -2.40
C THR A 190 5.03 1.32 -2.25
N THR A 191 4.87 1.86 -1.06
CA THR A 191 4.26 3.16 -0.92
C THR A 191 5.29 4.27 -1.10
N LYS A 192 4.78 5.45 -1.47
CA LYS A 192 5.65 6.62 -1.63
C LYS A 192 6.30 7.00 -0.30
N GLY A 193 5.54 6.93 0.80
CA GLY A 193 6.07 7.23 2.11
C GLY A 193 7.03 6.20 2.66
N GLY A 194 7.22 5.08 1.98
CA GLY A 194 8.24 4.12 2.34
C GLY A 194 9.60 4.42 1.76
N GLU A 195 9.74 5.55 1.05
CA GLU A 195 11.00 5.89 0.41
C GLU A 195 12.12 6.03 1.43
N SER A 196 11.87 6.78 2.52
CA SER A 196 12.89 6.98 3.54
C SER A 196 13.28 5.66 4.20
N THR A 197 12.34 4.72 4.30
CA THR A 197 12.65 3.43 4.90
C THR A 197 13.53 2.60 3.98
N ARG A 198 13.16 2.51 2.69
CA ARG A 198 13.98 1.78 1.73
C ARG A 198 15.40 2.33 1.67
N LYS A 199 15.52 3.66 1.65
CA LYS A 199 16.84 4.29 1.61
C LYS A 199 17.66 3.93 2.85
N PHE A 200 17.05 3.97 4.03
CA PHE A 200 17.76 3.65 5.25
C PHE A 200 18.19 2.19 5.29
N LEU A 201 17.30 1.28 4.90
CA LEU A 201 17.62 -0.15 4.98
C LEU A 201 18.77 -0.51 4.06
N VAL A 202 18.69 -0.11 2.79
CA VAL A 202 19.73 -0.47 1.84
C VAL A 202 21.04 0.23 2.17
N SER A 203 20.99 1.36 2.90
CA SER A 203 22.21 2.08 3.24
C SER A 203 22.93 1.48 4.43
N ASN A 204 22.19 0.88 5.36
CA ASN A 204 22.77 0.44 6.61
C ASN A 204 22.95 -1.08 6.71
N PHE A 205 22.32 -1.84 5.83
CA PHE A 205 22.35 -3.30 5.94
C PHE A 205 22.78 -3.93 4.63
N ASN A 206 23.53 -5.02 4.74
CA ASN A 206 23.66 -5.98 3.65
C ASN A 206 22.39 -6.82 3.68
N ILE A 207 21.47 -6.53 2.75
CA ILE A 207 20.16 -7.16 2.77
C ILE A 207 20.30 -8.66 2.52
N LEU A 208 19.91 -9.45 3.50
CA LEU A 208 19.98 -10.91 3.38
C LEU A 208 18.73 -11.49 2.73
N GLU A 209 17.55 -11.14 3.25
CA GLU A 209 16.31 -11.68 2.72
C GLU A 209 15.14 -10.78 3.12
N ILE A 210 14.18 -10.64 2.22
CA ILE A 210 12.93 -9.93 2.50
C ILE A 210 11.79 -10.91 2.21
N MET A 211 10.97 -11.17 3.22
CA MET A 211 9.84 -12.10 3.10
C MET A 211 8.54 -11.30 3.09
N ASP A 212 7.84 -11.31 1.95
CA ASP A 212 6.52 -10.69 1.85
C ASP A 212 5.49 -11.76 2.15
N LEU A 213 4.90 -11.70 3.34
CA LEU A 213 3.92 -12.69 3.76
C LEU A 213 2.55 -12.48 3.12
N GLY A 214 2.36 -11.36 2.42
CA GLY A 214 1.15 -11.15 1.65
C GLY A 214 -0.11 -11.22 2.49
N ASP A 215 -1.15 -11.84 1.91
CA ASP A 215 -2.45 -11.96 2.57
C ASP A 215 -2.62 -13.32 3.25
N SER A 216 -1.57 -13.80 3.93
CA SER A 216 -1.65 -15.08 4.61
CA SER A 216 -1.65 -15.08 4.61
C SER A 216 -2.36 -14.99 5.95
N LYS A 217 -2.44 -13.80 6.54
CA LYS A 217 -3.21 -13.55 7.76
C LYS A 217 -2.69 -14.35 8.96
N PHE A 218 -1.40 -14.19 9.24
CA PHE A 218 -0.84 -14.76 10.45
C PHE A 218 -1.34 -14.04 11.69
N PHE A 219 -1.63 -12.74 11.57
CA PHE A 219 -2.17 -11.96 12.66
C PHE A 219 -3.68 -11.83 12.53
N GLU A 220 -4.34 -11.69 13.68
CA GLU A 220 -5.78 -11.43 13.68
C GLU A 220 -6.11 -10.05 13.09
N ALA A 221 -5.14 -9.13 13.10
CA ALA A 221 -5.34 -7.83 12.51
C ALA A 221 -5.26 -7.92 10.99
N ALA A 222 -5.94 -6.98 10.33
CA ALA A 222 -5.93 -6.94 8.86
C ALA A 222 -4.67 -6.20 8.43
N VAL A 223 -3.61 -6.97 8.18
CA VAL A 223 -2.31 -6.41 7.82
C VAL A 223 -1.58 -7.42 6.94
N LEU A 224 -0.79 -6.91 6.00
CA LEU A 224 0.07 -7.74 5.16
C LEU A 224 1.51 -7.51 5.58
N PRO A 225 2.10 -8.37 6.40
CA PRO A 225 3.42 -8.08 6.96
C PRO A 225 4.56 -8.56 6.08
N ALA A 226 5.72 -7.93 6.28
CA ALA A 226 6.97 -8.35 5.65
C ALA A 226 8.03 -8.54 6.72
N ILE A 227 8.96 -9.47 6.46
CA ILE A 227 10.06 -9.76 7.36
C ILE A 227 11.37 -9.38 6.67
N PHE A 228 12.17 -8.56 7.36
CA PHE A 228 13.43 -8.09 6.82
C PHE A 228 14.58 -8.71 7.61
N PHE A 229 15.48 -9.40 6.91
CA PHE A 229 16.71 -9.93 7.48
C PHE A 229 17.90 -9.23 6.83
N GLY A 230 18.84 -8.78 7.66
CA GLY A 230 20.00 -8.08 7.15
C GLY A 230 21.13 -8.10 8.15
N GLU A 231 22.35 -8.02 7.63
CA GLU A 231 23.56 -7.89 8.42
C GLU A 231 23.99 -6.42 8.37
N LYS A 232 24.09 -5.78 9.53
CA LYS A 232 24.45 -4.37 9.54
C LYS A 232 25.83 -4.16 8.95
N LYS A 233 25.94 -3.16 8.08
CA LYS A 233 27.22 -2.85 7.44
C LYS A 233 28.22 -2.33 8.46
N ASN A 234 29.48 -2.68 8.24
CA ASN A 234 30.59 -2.09 8.98
C ASN A 234 31.20 -0.96 8.15
N LYS A 235 31.61 0.12 8.82
CA LYS A 235 32.09 1.29 8.11
C LYS A 235 33.30 0.99 7.23
N GLU A 236 34.11 0.01 7.60
CA GLU A 236 35.23 -0.45 6.79
C GLU A 236 34.91 -1.86 6.29
N TYR A 237 35.03 -2.06 4.97
CA TYR A 237 34.44 -3.24 4.35
C TYR A 237 35.18 -3.72 3.11
N GLN A 238 34.44 -4.31 2.17
CA GLN A 238 34.98 -4.80 0.91
C GLN A 238 34.04 -4.37 -0.22
N LYS A 239 33.71 -5.28 -1.13
CA LYS A 239 32.65 -5.05 -2.10
C LYS A 239 31.37 -5.78 -1.76
N GLU A 240 31.36 -6.54 -0.66
CA GLU A 240 30.34 -7.55 -0.38
C GLU A 240 30.15 -8.41 -1.63
N ASN A 241 29.11 -8.12 -2.42
CA ASN A 241 28.86 -8.79 -3.70
C ASN A 241 28.71 -10.30 -3.55
N SER A 242 29.58 -10.94 -2.75
CA SER A 242 29.37 -12.32 -2.34
C SER A 242 28.02 -12.51 -1.66
N ASN A 243 27.34 -11.43 -1.28
CA ASN A 243 25.97 -11.48 -0.79
C ASN A 243 25.07 -10.80 -1.80
N VAL A 244 24.14 -11.55 -2.37
CA VAL A 244 23.10 -11.02 -3.25
C VAL A 244 21.76 -11.15 -2.53
N PRO A 245 20.99 -10.07 -2.40
CA PRO A 245 19.75 -10.15 -1.61
C PRO A 245 18.68 -10.97 -2.31
N LYS A 246 18.05 -11.87 -1.56
CA LYS A 246 16.96 -12.69 -2.08
C LYS A 246 15.66 -12.33 -1.39
N PHE A 247 14.55 -12.72 -2.01
CA PHE A 247 13.23 -12.46 -1.43
C PHE A 247 12.42 -13.74 -1.42
N PHE A 248 11.34 -13.70 -0.63
CA PHE A 248 10.37 -14.77 -0.54
C PHE A 248 8.99 -14.11 -0.54
N LYS A 249 8.14 -14.50 -1.49
CA LYS A 249 6.83 -13.89 -1.62
C LYS A 249 5.76 -14.98 -1.60
N ILE A 250 4.77 -14.81 -0.74
CA ILE A 250 3.64 -15.74 -0.66
C ILE A 250 2.35 -14.93 -0.59
N TYR A 251 1.46 -15.17 -1.55
CA TYR A 251 0.14 -14.58 -1.55
C TYR A 251 -0.88 -15.68 -1.79
N GLU A 252 -2.12 -15.41 -1.40
CA GLU A 252 -3.21 -16.34 -1.67
C GLU A 252 -3.55 -16.31 -3.15
N GLN A 253 -3.52 -17.48 -3.79
CA GLN A 253 -3.83 -17.61 -5.21
C GLN A 253 -5.24 -18.19 -5.33
N SER A 254 -6.21 -17.34 -5.64
CA SER A 254 -7.59 -17.79 -5.73
C SER A 254 -7.86 -18.51 -7.06
N ASP A 255 -7.53 -17.87 -8.18
CA ASP A 255 -7.73 -18.45 -9.49
C ASP A 255 -6.49 -19.23 -9.92
N ILE A 256 -6.69 -20.46 -10.38
CA ILE A 256 -5.60 -21.35 -10.77
C ILE A 256 -5.69 -21.59 -12.26
N GLU A 257 -4.55 -21.49 -12.95
CA GLU A 257 -4.50 -21.76 -14.37
C GLU A 257 -4.80 -23.23 -14.65
N ALA A 258 -5.43 -23.49 -15.80
CA ALA A 258 -5.83 -24.85 -16.14
C ALA A 258 -4.64 -25.79 -16.31
N SER A 259 -3.44 -25.25 -16.55
CA SER A 259 -2.25 -26.07 -16.79
C SER A 259 -1.24 -25.99 -15.65
N SER A 260 -1.59 -25.34 -14.54
CA SER A 260 -0.68 -25.23 -13.40
C SER A 260 -0.93 -26.36 -12.41
N SER A 261 0.15 -26.85 -11.81
CA SER A 261 0.08 -27.93 -10.84
C SER A 261 0.21 -27.38 -9.43
N VAL A 262 -0.45 -28.06 -8.48
CA VAL A 262 -0.52 -27.62 -7.10
C VAL A 262 0.17 -28.66 -6.22
N ASN A 263 1.00 -28.20 -5.28
CA ASN A 263 1.69 -29.05 -4.33
C ASN A 263 0.93 -29.05 -3.01
N SER A 264 0.55 -30.24 -2.53
CA SER A 264 -0.23 -30.37 -1.31
C SER A 264 0.44 -31.29 -0.30
N GLU A 265 1.77 -31.33 -0.30
CA GLU A 265 2.50 -32.19 0.63
C GLU A 265 2.81 -31.51 1.96
N PHE A 266 2.35 -30.29 2.18
CA PHE A 266 2.59 -29.55 3.41
C PHE A 266 1.30 -29.45 4.21
N ASN A 267 1.41 -29.63 5.53
CA ASN A 267 0.25 -29.69 6.40
C ASN A 267 -0.20 -28.33 6.90
N SER A 268 0.72 -27.47 7.30
CA SER A 268 0.36 -26.19 7.89
C SER A 268 0.92 -25.04 7.07
N LEU A 269 0.30 -23.87 7.27
CA LEU A 269 0.75 -22.67 6.56
C LEU A 269 2.13 -22.22 7.01
N ILE A 270 2.47 -22.46 8.27
CA ILE A 270 3.80 -22.07 8.76
C ILE A 270 4.89 -22.91 8.11
N GLU A 271 4.58 -24.12 7.64
CA GLU A 271 5.58 -24.92 6.96
C GLU A 271 5.93 -24.37 5.58
N LEU A 272 4.99 -23.67 4.95
CA LEU A 272 5.24 -23.09 3.64
C LEU A 272 6.30 -22.00 3.68
N LEU A 273 6.53 -21.38 4.84
CA LEU A 273 7.54 -20.33 4.94
C LEU A 273 8.96 -20.87 4.85
N GLU A 274 9.14 -22.19 4.74
CA GLU A 274 10.46 -22.77 4.62
C GLU A 274 10.63 -23.59 3.33
N VAL A 275 9.68 -23.49 2.40
CA VAL A 275 9.87 -24.10 1.09
C VAL A 275 10.90 -23.28 0.32
N ASN A 276 11.57 -23.94 -0.62
CA ASN A 276 12.63 -23.28 -1.40
C ASN A 276 12.45 -23.51 -2.89
N LYS A 277 11.21 -23.60 -3.36
CA LYS A 277 10.90 -23.77 -4.77
C LYS A 277 9.64 -22.98 -5.09
N SER A 278 9.69 -22.16 -6.14
CA SER A 278 8.52 -21.39 -6.54
C SER A 278 7.42 -22.31 -7.08
N GLY A 279 6.18 -21.97 -6.80
CA GLY A 279 5.06 -22.73 -7.32
C GLY A 279 3.81 -22.53 -6.49
N LEU A 280 2.78 -23.27 -6.87
CA LEU A 280 1.50 -23.23 -6.18
C LEU A 280 1.47 -24.29 -5.08
N TYR A 281 1.05 -23.90 -3.88
CA TYR A 281 0.96 -24.80 -2.75
C TYR A 281 -0.40 -24.65 -2.08
N SER A 282 -1.02 -25.78 -1.75
CA SER A 282 -2.33 -25.78 -1.11
C SER A 282 -2.20 -26.27 0.32
N VAL A 283 -2.75 -25.51 1.26
CA VAL A 283 -2.85 -25.90 2.65
C VAL A 283 -4.30 -25.74 3.06
N GLU A 284 -4.96 -26.86 3.37
CA GLU A 284 -6.34 -26.87 3.80
C GLU A 284 -7.27 -26.28 2.75
N ASP A 285 -7.89 -25.14 3.04
CA ASP A 285 -8.93 -24.58 2.19
C ASP A 285 -8.44 -23.49 1.25
N LYS A 286 -7.12 -23.27 1.14
CA LYS A 286 -6.60 -22.21 0.32
C LYS A 286 -5.35 -22.66 -0.42
N THR A 287 -5.18 -22.13 -1.63
CA THR A 287 -3.99 -22.35 -2.43
C THR A 287 -3.15 -21.07 -2.43
N TYR A 288 -1.83 -21.23 -2.30
CA TYR A 288 -0.92 -20.11 -2.22
C TYR A 288 0.07 -20.16 -3.39
N SER A 289 0.44 -18.97 -3.86
CA SER A 289 1.46 -18.82 -4.89
C SER A 289 2.72 -18.29 -4.23
N ILE A 290 3.76 -19.12 -4.19
CA ILE A 290 5.03 -18.77 -3.56
C ILE A 290 6.04 -18.49 -4.65
N SER A 291 6.78 -17.39 -4.50
CA SER A 291 7.81 -17.00 -5.45
C SER A 291 9.10 -16.73 -4.70
N LEU A 292 10.20 -17.25 -5.22
CA LEU A 292 11.53 -16.98 -4.69
C LEU A 292 12.39 -16.37 -5.79
N GLY A 293 13.26 -15.45 -5.41
CA GLY A 293 14.14 -14.82 -6.37
C GLY A 293 15.13 -13.89 -5.72
N LYS A 294 15.59 -12.88 -6.47
CA LYS A 294 16.58 -11.93 -5.99
C LYS A 294 16.02 -10.52 -6.04
N ILE A 295 16.36 -9.72 -5.04
CA ILE A 295 16.07 -8.29 -5.09
C ILE A 295 17.00 -7.64 -6.11
N ILE A 296 16.42 -6.88 -7.03
CA ILE A 296 17.15 -6.32 -8.15
C ILE A 296 17.40 -4.84 -7.88
N SER A 297 18.68 -4.49 -7.64
CA SER A 297 19.17 -3.15 -7.41
C SER A 297 18.27 -2.37 -6.45
N PRO A 298 18.24 -2.72 -5.16
CA PRO A 298 17.45 -1.93 -4.21
C PRO A 298 18.01 -0.54 -3.95
N GLU A 299 19.22 -0.23 -4.43
CA GLU A 299 19.76 1.11 -4.23
C GLU A 299 18.90 2.17 -4.91
N ASN A 300 18.17 1.79 -5.95
CA ASN A 300 17.15 2.67 -6.55
C ASN A 300 15.93 2.66 -5.63
N TYR A 301 16.02 3.47 -4.58
CA TYR A 301 15.04 3.47 -3.50
C TYR A 301 13.84 4.38 -3.78
N LYS A 302 13.83 5.13 -4.89
CA LYS A 302 12.75 6.07 -5.13
C LYS A 302 11.53 5.40 -5.74
N GLU A 303 11.71 4.31 -6.47
CA GLU A 303 10.57 3.52 -6.91
C GLU A 303 10.32 2.38 -5.94
N PRO A 304 9.14 1.75 -5.99
CA PRO A 304 8.92 0.58 -5.14
C PRO A 304 9.93 -0.51 -5.42
N TRP A 305 10.29 -1.24 -4.37
CA TRP A 305 11.14 -2.42 -4.53
C TRP A 305 10.30 -3.55 -5.13
N ILE A 306 10.76 -4.06 -6.26
CA ILE A 306 10.01 -5.07 -7.00
C ILE A 306 10.49 -6.45 -6.58
N LEU A 307 9.55 -7.29 -6.15
CA LEU A 307 9.81 -8.69 -5.81
C LEU A 307 9.19 -9.54 -6.92
N ALA A 308 10.01 -9.97 -7.87
CA ALA A 308 9.52 -10.73 -9.01
C ALA A 308 10.55 -11.75 -9.42
N THR A 309 10.08 -12.78 -10.12
CA THR A 309 10.97 -13.84 -10.58
C THR A 309 11.82 -13.34 -11.75
N GLU A 310 12.78 -14.18 -12.15
CA GLU A 310 13.66 -13.82 -13.26
C GLU A 310 12.88 -13.62 -14.54
N ASP A 311 11.93 -14.51 -14.84
CA ASP A 311 11.13 -14.36 -16.05
C ASP A 311 10.22 -13.14 -15.98
N GLU A 312 9.60 -12.90 -14.82
CA GLU A 312 8.72 -11.75 -14.67
C GLU A 312 9.51 -10.44 -14.80
N TYR A 313 10.68 -10.36 -14.18
CA TYR A 313 11.44 -9.11 -14.22
C TYR A 313 11.96 -8.83 -15.62
N GLU A 314 12.35 -9.87 -16.37
CA GLU A 314 12.82 -9.66 -17.73
C GLU A 314 11.66 -9.24 -18.64
N TRP A 315 10.49 -9.85 -18.49
CA TRP A 315 9.32 -9.40 -19.22
C TRP A 315 8.99 -7.96 -18.87
N PHE A 316 9.05 -7.62 -17.57
CA PHE A 316 8.84 -6.25 -17.15
C PHE A 316 9.87 -5.30 -17.76
N MET A 317 11.10 -5.78 -17.96
CA MET A 317 12.14 -4.94 -18.54
C MET A 317 11.85 -4.63 -20.01
N LYS A 318 11.49 -5.65 -20.79
CA LYS A 318 11.33 -5.45 -22.23
C LYS A 318 10.12 -4.59 -22.55
N VAL A 319 9.14 -4.52 -21.66
CA VAL A 319 8.01 -3.62 -21.89
C VAL A 319 8.46 -2.16 -21.79
N ASN A 320 9.28 -1.84 -20.78
CA ASN A 320 9.71 -0.47 -20.58
C ASN A 320 10.59 0.01 -21.71
N GLN A 321 11.42 -0.87 -22.27
CA GLN A 321 12.31 -0.48 -23.37
C GLN A 321 11.52 -0.20 -24.63
N ASN A 322 10.50 -1.01 -24.92
CA ASN A 322 9.69 -0.87 -26.12
C ASN A 322 8.54 0.12 -25.94
N ALA A 323 8.46 0.80 -24.81
CA ALA A 323 7.38 1.74 -24.55
C ALA A 323 7.69 3.10 -25.16
N TYR A 324 6.66 3.72 -25.73
CA TYR A 324 6.81 5.07 -26.26
C TYR A 324 6.82 6.12 -25.15
N GLY A 325 6.12 5.84 -24.05
CA GLY A 325 6.06 6.77 -22.96
C GLY A 325 5.24 6.20 -21.83
N PHE A 326 4.68 7.08 -21.02
CA PHE A 326 3.86 6.68 -19.90
C PHE A 326 2.67 7.62 -19.78
N ILE A 327 1.65 7.16 -19.03
CA ILE A 327 0.42 7.92 -18.88
C ILE A 327 0.71 9.32 -18.35
N GLU A 328 1.66 9.42 -17.41
CA GLU A 328 2.04 10.70 -16.84
C GLU A 328 2.44 11.71 -17.91
N ASP A 329 2.98 11.23 -19.04
CA ASP A 329 3.37 12.12 -20.12
C ASP A 329 2.19 12.65 -20.92
N PHE A 330 1.04 11.97 -20.86
CA PHE A 330 -0.08 12.31 -21.72
C PHE A 330 -1.29 12.87 -21.00
N ALA A 331 -1.40 12.68 -19.68
CA ALA A 331 -2.66 13.02 -19.03
C ALA A 331 -2.46 13.27 -17.54
N HIS A 332 -3.42 13.98 -16.96
CA HIS A 332 -3.47 14.24 -15.52
C HIS A 332 -4.30 13.15 -14.86
N VAL A 333 -3.69 12.42 -13.93
CA VAL A 333 -4.39 11.41 -13.14
C VAL A 333 -4.72 12.02 -11.79
N LYS A 334 -5.98 12.36 -11.59
CA LYS A 334 -6.42 13.07 -10.39
C LYS A 334 -7.34 12.19 -9.55
N VAL A 335 -7.42 12.50 -8.28
CA VAL A 335 -8.33 11.84 -7.36
C VAL A 335 -9.65 12.59 -7.40
N GLY A 336 -10.74 11.87 -7.08
CA GLY A 336 -12.04 12.48 -6.92
C GLY A 336 -12.05 13.47 -5.78
N ILE A 337 -13.21 14.10 -5.58
CA ILE A 337 -13.33 15.11 -4.54
C ILE A 337 -13.21 14.45 -3.17
N LYS A 338 -12.62 15.20 -2.23
CA LYS A 338 -12.46 14.78 -0.85
C LYS A 338 -13.18 15.80 0.01
N THR A 339 -14.45 15.53 0.31
CA THR A 339 -15.24 16.49 1.07
C THR A 339 -14.86 16.52 2.54
N THR A 340 -14.35 15.40 3.07
CA THR A 340 -14.09 15.20 4.50
C THR A 340 -15.36 15.30 5.34
N ALA A 341 -16.52 15.01 4.71
CA ALA A 341 -17.79 14.83 5.40
C ALA A 341 -18.79 14.20 4.43
N ASP A 342 -18.50 12.98 3.97
CA ASP A 342 -19.26 12.40 2.87
C ASP A 342 -20.74 12.26 3.18
N SER A 343 -21.08 11.90 4.41
CA SER A 343 -22.49 11.71 4.75
C SER A 343 -23.26 13.02 4.82
N VAL A 344 -22.60 14.17 4.68
CA VAL A 344 -23.26 15.46 4.66
C VAL A 344 -23.37 16.02 3.24
N PHE A 345 -22.29 15.96 2.47
CA PHE A 345 -22.25 16.56 1.14
C PHE A 345 -22.78 15.65 0.04
N ILE A 346 -22.70 14.32 0.21
CA ILE A 346 -23.03 13.36 -0.84
C ILE A 346 -24.22 12.54 -0.36
N ARG A 347 -25.37 12.71 -1.02
CA ARG A 347 -26.60 12.02 -0.64
C ARG A 347 -27.41 11.72 -1.89
N SER A 348 -28.34 10.77 -1.75
CA SER A 348 -29.32 10.48 -2.79
C SER A 348 -30.74 10.90 -2.41
N ASP A 349 -30.97 11.27 -1.15
CA ASP A 349 -32.31 11.58 -0.66
C ASP A 349 -32.50 13.08 -0.47
N TRP A 350 -31.92 13.90 -1.36
CA TRP A 350 -32.06 15.35 -1.23
C TRP A 350 -33.53 15.77 -1.29
N GLY A 351 -34.32 15.10 -2.12
CA GLY A 351 -35.72 15.44 -2.24
C GLY A 351 -36.54 15.09 -1.01
N GLU A 352 -36.03 14.21 -0.15
CA GLU A 352 -36.75 13.78 1.05
C GLU A 352 -36.40 14.62 2.28
N LEU A 353 -35.58 15.64 2.13
CA LEU A 353 -35.30 16.57 3.21
C LEU A 353 -36.48 17.53 3.39
N PRO A 354 -36.56 18.22 4.53
CA PRO A 354 -37.53 19.32 4.63
C PRO A 354 -37.30 20.34 3.54
N GLU A 355 -38.41 20.85 2.98
CA GLU A 355 -38.32 21.76 1.83
C GLU A 355 -37.51 23.01 2.15
N GLU A 356 -37.45 23.39 3.43
CA GLU A 356 -36.62 24.52 3.84
C GLU A 356 -35.13 24.22 3.72
N GLN A 357 -34.75 22.95 3.65
CA GLN A 357 -33.34 22.54 3.63
C GLN A 357 -32.95 21.79 2.38
N ILE A 358 -33.83 21.69 1.39
CA ILE A 358 -33.46 21.08 0.11
C ILE A 358 -32.58 22.08 -0.64
N PRO A 359 -31.30 21.77 -0.87
CA PRO A 359 -30.40 22.76 -1.48
C PRO A 359 -30.82 23.08 -2.90
N GLU A 360 -30.42 24.29 -3.33
CA GLU A 360 -30.75 24.76 -4.68
C GLU A 360 -30.17 23.81 -5.73
N ASP A 361 -30.94 23.60 -6.80
CA ASP A 361 -30.55 22.64 -7.82
C ASP A 361 -29.25 23.03 -8.52
N LYS A 362 -28.89 24.31 -8.50
CA LYS A 362 -27.61 24.74 -9.07
C LYS A 362 -26.43 24.11 -8.32
N LEU A 363 -26.61 23.79 -7.03
CA LEU A 363 -25.52 23.27 -6.23
C LEU A 363 -25.43 21.75 -6.25
N LEU A 364 -26.53 21.06 -6.50
CA LEU A 364 -26.55 19.59 -6.48
C LEU A 364 -26.06 19.06 -7.82
N ARG A 365 -24.82 18.56 -7.84
CA ARG A 365 -24.20 18.01 -9.04
C ARG A 365 -24.18 16.49 -8.96
N PRO A 366 -24.63 15.79 -10.01
CA PRO A 366 -24.56 14.32 -10.00
C PRO A 366 -23.13 13.85 -9.90
N ILE A 367 -22.91 12.83 -9.08
CA ILE A 367 -21.57 12.36 -8.75
C ILE A 367 -21.51 10.85 -8.94
N ILE A 368 -20.40 10.37 -9.50
CA ILE A 368 -20.20 8.96 -9.79
C ILE A 368 -19.25 8.37 -8.75
N SER A 369 -19.66 7.25 -8.14
CA SER A 369 -18.85 6.56 -7.14
C SER A 369 -18.34 5.25 -7.71
N ALA A 370 -17.63 4.50 -6.86
CA ALA A 370 -16.98 3.27 -7.30
C ALA A 370 -17.95 2.11 -7.46
N ASP A 371 -19.08 2.13 -6.74
CA ASP A 371 -20.04 1.03 -6.87
C ASP A 371 -20.79 1.06 -8.19
N GLN A 372 -20.55 2.06 -9.04
CA GLN A 372 -21.14 2.14 -10.37
C GLN A 372 -20.10 1.96 -11.46
N ALA A 373 -18.98 1.33 -11.15
CA ALA A 373 -17.84 1.25 -12.06
C ALA A 373 -17.90 -0.03 -12.88
N ASN A 374 -17.78 0.11 -14.19
CA ASN A 374 -17.57 -1.00 -15.10
C ASN A 374 -16.49 -0.61 -16.10
N LYS A 375 -16.11 -1.55 -16.95
CA LYS A 375 -15.18 -1.24 -18.02
C LYS A 375 -15.93 -0.59 -19.18
N TRP A 376 -15.27 0.37 -19.83
CA TRP A 376 -15.78 1.05 -21.01
C TRP A 376 -17.00 1.90 -20.70
N SER A 377 -18.12 1.27 -20.36
CA SER A 377 -19.38 1.95 -20.14
C SER A 377 -19.64 2.13 -18.66
N VAL A 378 -20.19 3.27 -18.29
CA VAL A 378 -20.54 3.55 -16.91
C VAL A 378 -21.83 2.83 -16.56
N SER A 379 -21.91 2.35 -15.31
CA SER A 379 -23.14 1.81 -14.76
C SER A 379 -24.10 2.90 -14.27
N LEU A 380 -24.06 4.07 -14.91
CA LEU A 380 -24.92 5.20 -14.58
C LEU A 380 -26.39 4.94 -14.92
N VAL A 381 -26.71 3.74 -15.43
CA VAL A 381 -28.10 3.39 -15.70
C VAL A 381 -28.92 3.38 -14.42
N GLY A 382 -28.27 3.14 -13.28
CA GLY A 382 -28.95 3.17 -11.99
C GLY A 382 -28.20 4.00 -10.97
N ASN A 383 -28.42 5.31 -10.98
CA ASN A 383 -27.75 6.21 -10.06
C ASN A 383 -28.62 7.42 -9.77
N ASN A 384 -28.49 7.94 -8.56
CA ASN A 384 -29.21 9.15 -8.17
C ASN A 384 -28.41 10.01 -7.20
N LYS A 385 -27.12 9.72 -6.99
CA LYS A 385 -26.33 10.48 -6.04
C LYS A 385 -25.99 11.87 -6.58
N LYS A 386 -26.02 12.86 -5.70
CA LYS A 386 -25.59 14.21 -6.02
C LYS A 386 -24.77 14.77 -4.88
N VAL A 387 -23.86 15.69 -5.20
CA VAL A 387 -23.02 16.34 -4.21
C VAL A 387 -23.46 17.80 -4.09
N LEU A 388 -23.53 18.29 -2.86
CA LEU A 388 -23.72 19.71 -2.59
C LEU A 388 -22.38 20.39 -2.83
N TYR A 389 -22.15 20.79 -4.09
CA TYR A 389 -20.87 21.39 -4.47
C TYR A 389 -20.79 22.82 -3.92
N THR A 390 -19.67 23.13 -3.27
CA THR A 390 -19.54 24.37 -2.52
C THR A 390 -18.60 25.39 -3.16
N HIS A 391 -18.19 25.18 -4.41
CA HIS A 391 -17.23 26.05 -5.08
C HIS A 391 -17.71 26.39 -6.48
N GLU A 392 -17.16 27.48 -7.02
CA GLU A 392 -17.57 27.99 -8.32
C GLU A 392 -16.46 28.86 -8.89
N ILE A 393 -16.53 29.12 -10.19
CA ILE A 393 -15.66 30.07 -10.86
C ILE A 393 -16.33 31.44 -10.81
N ARG A 394 -15.60 32.44 -10.34
CA ARG A 394 -16.19 33.76 -10.15
C ARG A 394 -15.49 34.74 -11.08
N ASP A 395 -14.43 35.41 -10.66
CA ASP A 395 -13.72 36.34 -11.53
C ASP A 395 -12.51 35.68 -12.17
N GLY A 396 -12.73 34.57 -12.86
CA GLY A 396 -11.61 33.78 -13.35
C GLY A 396 -10.84 33.04 -12.28
N GLN A 397 -11.32 33.07 -11.03
CA GLN A 397 -10.68 32.37 -9.93
C GLN A 397 -11.64 31.36 -9.32
N ILE A 398 -11.07 30.41 -8.58
CA ILE A 398 -11.85 29.38 -7.91
C ILE A 398 -12.16 29.88 -6.50
N LYS A 399 -13.43 30.12 -6.22
CA LYS A 399 -13.86 30.62 -4.93
C LYS A 399 -15.03 29.82 -4.41
N ALA A 400 -15.13 29.74 -3.08
CA ALA A 400 -16.26 29.08 -2.46
C ALA A 400 -17.53 29.92 -2.63
N ILE A 401 -18.67 29.23 -2.65
CA ILE A 401 -19.94 29.94 -2.80
C ILE A 401 -20.20 30.80 -1.58
N ASN A 402 -21.03 31.82 -1.77
CA ASN A 402 -21.53 32.64 -0.68
C ASN A 402 -22.88 32.11 -0.22
N LEU A 403 -23.00 31.83 1.08
CA LEU A 403 -24.20 31.18 1.60
C LEU A 403 -25.43 32.08 1.50
N GLU A 404 -25.24 33.40 1.50
CA GLU A 404 -26.39 34.30 1.45
C GLU A 404 -27.16 34.16 0.13
N GLU A 405 -26.48 33.75 -0.94
CA GLU A 405 -27.13 33.58 -2.23
C GLU A 405 -27.89 32.27 -2.35
N PHE A 406 -27.78 31.37 -1.37
CA PHE A 406 -28.46 30.08 -1.38
C PHE A 406 -29.07 29.85 -0.01
N PRO A 407 -30.30 30.34 0.22
CA PRO A 407 -30.89 30.24 1.56
C PRO A 407 -31.17 28.80 1.98
N ARG A 408 -31.75 28.00 1.08
CA ARG A 408 -32.12 26.64 1.43
C ARG A 408 -30.88 25.79 1.70
N ALA A 409 -29.85 25.92 0.86
CA ALA A 409 -28.62 25.19 1.10
C ALA A 409 -27.91 25.67 2.36
N LYS A 410 -28.05 26.96 2.70
CA LYS A 410 -27.46 27.47 3.93
C LYS A 410 -28.06 26.80 5.15
N ASN A 411 -29.40 26.73 5.22
CA ASN A 411 -30.06 26.12 6.37
C ASN A 411 -29.60 24.68 6.57
N TYR A 412 -29.44 23.93 5.47
CA TYR A 412 -28.98 22.55 5.58
C TYR A 412 -27.62 22.48 6.25
N LEU A 413 -26.66 23.28 5.78
CA LEU A 413 -25.34 23.30 6.38
C LEU A 413 -25.32 23.90 7.77
N GLU A 414 -26.30 24.75 8.11
CA GLU A 414 -26.41 25.23 9.47
C GLU A 414 -26.66 24.07 10.44
N SER A 415 -27.51 23.11 10.03
CA SER A 415 -27.82 21.97 10.89
C SER A 415 -26.60 21.10 11.14
N HIS A 416 -25.59 21.17 10.28
CA HIS A 416 -24.34 20.45 10.48
C HIS A 416 -23.18 21.39 10.80
N LYS A 417 -23.47 22.47 11.53
CA LYS A 417 -22.44 23.48 11.80
C LYS A 417 -21.35 22.93 12.70
N GLU A 418 -21.73 22.22 13.77
CA GLU A 418 -20.74 21.81 14.77
C GLU A 418 -19.75 20.80 14.20
N ARG A 419 -20.22 19.88 13.37
CA ARG A 419 -19.33 18.88 12.80
C ARG A 419 -18.45 19.47 11.69
N LEU A 420 -19.04 20.29 10.82
CA LEU A 420 -18.27 20.87 9.72
C LEU A 420 -17.24 21.87 10.24
N ALA A 421 -17.59 22.63 11.29
CA ALA A 421 -16.65 23.59 11.85
C ALA A 421 -15.59 22.93 12.73
N SER A 422 -15.73 21.63 13.04
CA SER A 422 -14.75 20.93 13.83
C SER A 422 -13.48 20.60 13.05
N ARG A 423 -13.56 20.56 11.73
CA ARG A 423 -12.40 20.27 10.89
C ARG A 423 -11.33 21.35 11.07
N LYS A 424 -10.37 21.08 11.97
CA LYS A 424 -9.39 22.11 12.32
C LYS A 424 -8.49 22.46 11.14
N TYR A 425 -8.21 21.51 10.25
CA TYR A 425 -7.40 21.81 9.09
C TYR A 425 -8.07 22.77 8.13
N VAL A 426 -9.40 22.85 8.16
CA VAL A 426 -10.12 23.79 7.32
C VAL A 426 -9.99 25.20 7.88
N LEU A 427 -10.10 25.35 9.20
CA LEU A 427 -10.06 26.69 9.80
C LEU A 427 -8.65 27.24 9.81
N LYS A 428 -7.65 26.39 10.06
CA LYS A 428 -6.26 26.87 10.06
C LYS A 428 -5.79 27.24 8.66
N ALA A 429 -6.46 26.75 7.62
CA ALA A 429 -6.24 27.22 6.26
C ALA A 429 -7.00 28.50 5.95
N ASN A 430 -7.76 29.03 6.92
CA ASN A 430 -8.61 30.21 6.75
C ASN A 430 -9.57 30.02 5.57
N ARG A 431 -10.19 28.85 5.53
CA ARG A 431 -11.24 28.55 4.57
C ARG A 431 -12.57 28.42 5.30
N ASN A 432 -13.65 28.59 4.54
CA ASN A 432 -14.97 28.64 5.15
C ASN A 432 -15.36 27.29 5.75
N TRP A 433 -16.03 27.33 6.91
CA TRP A 433 -16.33 26.12 7.67
C TRP A 433 -17.22 25.15 6.91
N TYR A 434 -17.91 25.59 5.88
CA TYR A 434 -18.86 24.77 5.14
C TYR A 434 -18.29 24.18 3.86
N GLU A 435 -17.04 24.47 3.53
CA GLU A 435 -16.50 24.10 2.23
C GLU A 435 -16.20 22.61 2.15
N ILE A 436 -16.22 22.10 0.92
CA ILE A 436 -15.57 20.83 0.62
C ILE A 436 -14.06 21.02 0.67
N TRP A 437 -13.37 20.06 1.28
CA TRP A 437 -11.93 20.22 1.51
C TRP A 437 -11.15 20.21 0.21
N VAL A 438 -11.42 19.26 -0.67
CA VAL A 438 -10.79 19.23 -1.99
C VAL A 438 -11.88 19.25 -3.06
N PRO A 439 -12.30 20.43 -3.51
CA PRO A 439 -13.30 20.49 -4.59
C PRO A 439 -12.73 20.48 -5.99
N HIS A 440 -11.40 20.61 -6.14
CA HIS A 440 -10.74 20.73 -7.44
C HIS A 440 -11.26 21.93 -8.22
N ASP A 441 -11.02 21.96 -9.53
CA ASP A 441 -11.43 23.08 -10.36
C ASP A 441 -12.84 22.81 -10.89
N PRO A 442 -13.84 23.63 -10.58
CA PRO A 442 -15.20 23.37 -11.06
C PRO A 442 -15.32 23.32 -12.56
N SER A 443 -14.40 23.94 -13.30
CA SER A 443 -14.49 23.95 -14.75
C SER A 443 -13.99 22.68 -15.39
N LEU A 444 -13.22 21.86 -14.68
CA LEU A 444 -12.65 20.65 -15.27
C LEU A 444 -13.67 19.52 -15.38
N TRP A 445 -14.76 19.58 -14.62
CA TRP A 445 -15.74 18.49 -14.66
C TRP A 445 -16.42 18.36 -16.01
N ASP A 446 -16.45 19.42 -16.82
CA ASP A 446 -17.15 19.39 -18.09
C ASP A 446 -16.40 18.60 -19.15
N LYS A 447 -15.08 18.44 -19.00
CA LYS A 447 -14.30 17.78 -20.03
C LYS A 447 -14.59 16.28 -20.05
N PRO A 448 -14.45 15.65 -21.22
CA PRO A 448 -14.46 14.18 -21.25
C PRO A 448 -13.34 13.62 -20.39
N LYS A 449 -13.59 12.48 -19.77
CA LYS A 449 -12.62 11.95 -18.83
C LYS A 449 -12.79 10.43 -18.71
N ILE A 450 -11.73 9.78 -18.25
CA ILE A 450 -11.76 8.38 -17.84
C ILE A 450 -11.93 8.34 -16.33
N ILE A 451 -12.77 7.43 -15.84
CA ILE A 451 -12.96 7.23 -14.41
C ILE A 451 -12.67 5.78 -14.08
N PHE A 452 -12.12 5.54 -12.89
CA PHE A 452 -11.86 4.18 -12.45
C PHE A 452 -11.83 4.15 -10.94
N PRO A 453 -12.19 3.03 -10.33
CA PRO A 453 -12.15 2.92 -8.87
C PRO A 453 -10.75 2.63 -8.36
N ASP A 454 -10.47 3.13 -7.16
CA ASP A 454 -9.21 2.87 -6.47
C ASP A 454 -9.12 1.41 -6.05
N THR A 455 -9.96 1.01 -5.10
CA THR A 455 -9.94 -0.34 -4.52
C THR A 455 -10.73 -1.29 -5.41
N SER A 456 -10.03 -2.17 -6.13
CA SER A 456 -10.70 -3.05 -7.06
C SER A 456 -9.83 -4.26 -7.36
N PRO A 457 -10.41 -5.45 -7.53
CA PRO A 457 -9.61 -6.62 -7.95
C PRO A 457 -9.39 -6.70 -9.45
N GLU A 458 -10.04 -5.85 -10.23
CA GLU A 458 -9.92 -5.84 -11.68
C GLU A 458 -9.99 -4.40 -12.15
N PRO A 459 -9.32 -4.07 -13.26
CA PRO A 459 -9.40 -2.70 -13.79
C PRO A 459 -10.80 -2.41 -14.32
N LYS A 460 -11.33 -1.25 -13.95
CA LYS A 460 -12.66 -0.82 -14.39
C LYS A 460 -12.60 0.64 -14.84
N PHE A 461 -11.80 0.90 -15.87
CA PHE A 461 -11.68 2.23 -16.44
C PHE A 461 -12.81 2.43 -17.45
N PHE A 462 -13.55 3.53 -17.31
CA PHE A 462 -14.66 3.77 -18.23
C PHE A 462 -14.70 5.24 -18.65
N TYR A 463 -15.23 5.47 -19.85
CA TYR A 463 -15.34 6.79 -20.43
C TYR A 463 -16.60 7.49 -19.93
N GLU A 464 -16.51 8.81 -19.81
CA GLU A 464 -17.63 9.60 -19.29
C GLU A 464 -17.51 11.02 -19.84
N ASP A 465 -18.53 11.47 -20.59
CA ASP A 465 -18.50 12.79 -21.21
C ASP A 465 -19.72 13.63 -20.85
N LYS A 466 -20.41 13.31 -19.76
CA LYS A 466 -21.61 14.03 -19.36
C LYS A 466 -21.36 15.11 -18.32
N GLY A 467 -20.10 15.33 -17.93
CA GLY A 467 -19.76 16.45 -17.08
C GLY A 467 -20.14 16.29 -15.62
N SER A 468 -20.04 15.09 -15.07
CA SER A 468 -20.40 14.84 -13.69
C SER A 468 -19.16 14.84 -12.80
N VAL A 469 -19.40 14.86 -11.49
CA VAL A 469 -18.34 14.92 -10.50
C VAL A 469 -17.93 13.50 -10.13
N VAL A 470 -16.69 13.33 -9.69
CA VAL A 470 -16.13 12.03 -9.33
C VAL A 470 -15.95 11.97 -7.83
N ASP A 471 -16.32 10.83 -7.24
CA ASP A 471 -16.22 10.66 -5.79
C ASP A 471 -14.80 10.30 -5.39
N GLY A 472 -14.53 10.46 -4.08
CA GLY A 472 -13.20 10.24 -3.53
C GLY A 472 -12.73 8.80 -3.57
N ASN A 473 -13.62 7.84 -3.82
CA ASN A 473 -13.21 6.45 -4.00
C ASN A 473 -12.86 6.13 -5.45
N CYS A 474 -12.79 7.15 -6.30
CA CYS A 474 -12.40 6.99 -7.69
C CYS A 474 -11.32 8.00 -8.04
N TYR A 475 -10.57 7.69 -9.08
CA TYR A 475 -9.65 8.61 -9.73
C TYR A 475 -10.16 8.88 -11.13
N TRP A 476 -9.68 9.97 -11.74
CA TRP A 476 -10.13 10.33 -13.08
C TRP A 476 -8.95 10.86 -13.89
N ILE A 477 -9.10 10.74 -15.21
CA ILE A 477 -8.01 10.99 -16.16
C ILE A 477 -8.50 11.99 -17.20
N ILE A 478 -7.78 13.11 -17.33
CA ILE A 478 -8.05 14.08 -18.38
C ILE A 478 -6.76 14.36 -19.14
N PRO A 479 -6.81 14.56 -20.45
CA PRO A 479 -5.58 14.72 -21.23
C PRO A 479 -4.88 16.03 -20.92
N LYS A 480 -3.56 16.03 -21.17
CA LYS A 480 -2.79 17.27 -21.05
C LYS A 480 -2.96 18.12 -22.30
N LYS A 481 -2.89 17.52 -23.48
CA LYS A 481 -3.27 18.21 -24.70
C LYS A 481 -4.79 18.36 -24.75
N GLU A 482 -5.26 19.51 -25.23
CA GLU A 482 -6.69 19.80 -25.21
C GLU A 482 -7.50 18.99 -26.23
N ASN A 483 -6.97 17.97 -26.90
CA ASN A 483 -7.77 17.08 -27.72
C ASN A 483 -8.25 15.92 -26.84
N SER A 484 -9.40 16.13 -26.20
CA SER A 484 -9.96 15.14 -25.27
C SER A 484 -10.58 13.94 -25.98
N ASN A 485 -9.91 13.43 -27.02
CA ASN A 485 -10.47 12.35 -27.82
C ASN A 485 -9.60 11.10 -27.81
N ASP A 486 -8.94 10.82 -28.93
CA ASP A 486 -8.33 9.51 -29.16
C ASP A 486 -7.39 9.09 -28.02
N ILE A 487 -6.71 10.06 -27.41
CA ILE A 487 -5.70 9.71 -26.40
C ILE A 487 -6.35 9.03 -25.21
N LEU A 488 -7.53 9.49 -24.79
CA LEU A 488 -8.21 8.85 -23.67
C LEU A 488 -8.64 7.42 -24.04
N PHE A 489 -9.11 7.23 -25.28
CA PHE A 489 -9.52 5.89 -25.70
C PHE A 489 -8.33 4.94 -25.75
N LEU A 490 -7.15 5.42 -26.12
CA LEU A 490 -5.98 4.56 -26.11
C LEU A 490 -5.60 4.17 -24.69
N ILE A 491 -5.67 5.12 -23.75
CA ILE A 491 -5.31 4.85 -22.37
C ILE A 491 -6.26 3.83 -21.75
N MET A 492 -7.55 3.91 -22.09
CA MET A 492 -8.52 2.95 -21.56
C MET A 492 -8.21 1.54 -22.01
N GLY A 493 -8.02 1.34 -23.32
CA GLY A 493 -7.72 0.02 -23.83
C GLY A 493 -6.47 -0.57 -23.21
N ILE A 494 -5.50 0.28 -22.84
CA ILE A 494 -4.30 -0.20 -22.17
C ILE A 494 -4.61 -0.58 -20.73
N CYS A 495 -5.30 0.31 -20.00
CA CYS A 495 -5.51 0.11 -18.56
C CYS A 495 -6.41 -1.09 -18.27
N ASN A 496 -7.45 -1.29 -19.07
CA ASN A 496 -8.40 -2.38 -18.83
C ASN A 496 -7.86 -3.75 -19.24
N SER A 497 -6.75 -3.80 -19.96
CA SER A 497 -6.27 -5.05 -20.53
C SER A 497 -5.63 -5.94 -19.47
N LYS A 498 -5.62 -7.25 -19.75
CA LYS A 498 -4.87 -8.19 -18.92
C LYS A 498 -3.38 -7.95 -19.01
N PHE A 499 -2.91 -7.40 -20.14
CA PHE A 499 -1.51 -7.03 -20.27
C PHE A 499 -1.09 -6.09 -19.14
N MET A 500 -1.86 -5.03 -18.92
CA MET A 500 -1.50 -4.07 -17.88
C MET A 500 -1.73 -4.63 -16.49
N SER A 501 -2.64 -5.60 -16.33
CA SER A 501 -2.78 -6.26 -15.03
C SER A 501 -1.52 -7.06 -14.69
N LYS A 502 -0.93 -7.73 -15.68
CA LYS A 502 0.34 -8.42 -15.46
C LYS A 502 1.44 -7.43 -15.12
N TYR A 503 1.52 -6.33 -15.87
CA TYR A 503 2.51 -5.30 -15.59
C TYR A 503 2.31 -4.71 -14.20
N HIS A 504 1.05 -4.56 -13.79
CA HIS A 504 0.75 -3.95 -12.49
C HIS A 504 1.21 -4.86 -11.35
N ASP A 505 0.90 -6.15 -11.42
CA ASP A 505 1.25 -7.06 -10.34
C ASP A 505 2.75 -7.23 -10.18
N ILE A 506 3.54 -6.83 -11.17
CA ILE A 506 4.99 -6.90 -11.06
C ILE A 506 5.57 -5.61 -10.51
N ALA A 507 5.15 -4.47 -11.06
CA ALA A 507 5.72 -3.18 -10.71
C ALA A 507 5.14 -2.58 -9.44
N PHE A 508 3.83 -2.66 -9.26
CA PHE A 508 3.14 -1.99 -8.14
C PHE A 508 2.43 -3.06 -7.32
N GLN A 509 3.14 -3.59 -6.32
CA GLN A 509 2.69 -4.75 -5.57
C GLN A 509 2.02 -4.37 -4.25
N ASN A 510 1.10 -3.40 -4.31
CA ASN A 510 0.36 -2.93 -3.14
C ASN A 510 -1.04 -3.54 -3.21
N LYS A 511 -1.29 -4.55 -2.38
CA LYS A 511 -2.56 -5.27 -2.37
C LYS A 511 -3.22 -5.17 -1.00
N LEU A 512 -4.54 -5.04 -1.01
CA LEU A 512 -5.34 -5.24 0.19
C LEU A 512 -5.73 -6.71 0.26
N TYR A 513 -6.57 -7.08 1.24
CA TYR A 513 -7.09 -8.43 1.30
C TYR A 513 -8.03 -8.68 0.12
N ALA A 514 -8.23 -9.95 -0.19
CA ALA A 514 -9.17 -10.41 -1.22
C ALA A 514 -8.77 -9.96 -2.62
N GLY A 515 -7.47 -9.89 -2.89
CA GLY A 515 -6.98 -9.63 -4.22
C GLY A 515 -7.25 -8.23 -4.75
N ARG A 516 -7.45 -7.25 -3.88
CA ARG A 516 -7.75 -5.89 -4.30
C ARG A 516 -6.46 -5.13 -4.59
N ARG A 517 -6.34 -4.61 -5.80
CA ARG A 517 -5.23 -3.72 -6.11
C ARG A 517 -5.58 -2.30 -5.70
N ARG A 518 -4.57 -1.42 -5.74
CA ARG A 518 -4.75 0.00 -5.48
C ARG A 518 -4.39 0.75 -6.76
N TYR A 519 -5.41 1.32 -7.41
CA TYR A 519 -5.20 2.10 -8.63
C TYR A 519 -5.04 3.57 -8.22
N LEU A 520 -3.85 3.88 -7.70
CA LEU A 520 -3.53 5.21 -7.22
C LEU A 520 -2.77 5.99 -8.29
N THR A 521 -2.70 7.31 -8.09
CA THR A 521 -2.02 8.17 -9.05
C THR A 521 -0.55 7.79 -9.20
N GLN A 522 0.12 7.48 -8.08
CA GLN A 522 1.55 7.17 -8.12
C GLN A 522 1.83 5.90 -8.90
N TYR A 523 0.83 5.03 -9.10
CA TYR A 523 1.00 3.81 -9.88
C TYR A 523 0.54 3.98 -11.32
N VAL A 524 -0.66 4.53 -11.53
CA VAL A 524 -1.21 4.67 -12.88
C VAL A 524 -0.43 5.69 -13.70
N ASN A 525 0.25 6.64 -13.06
CA ASN A 525 1.14 7.54 -13.78
C ASN A 525 2.26 6.78 -14.48
N LYS A 526 2.64 5.62 -13.96
CA LYS A 526 3.77 4.86 -14.48
C LYS A 526 3.36 3.76 -15.44
N TYR A 527 2.10 3.72 -15.86
CA TYR A 527 1.67 2.76 -16.86
C TYR A 527 2.32 3.09 -18.20
N PRO A 528 2.95 2.12 -18.88
CA PRO A 528 3.52 2.40 -20.19
C PRO A 528 2.44 2.58 -21.24
N ILE A 529 2.75 3.43 -22.23
CA ILE A 529 1.83 3.71 -23.33
C ILE A 529 2.58 3.53 -24.64
N PRO A 530 2.01 2.79 -25.62
CA PRO A 530 2.69 2.65 -26.92
C PRO A 530 2.62 3.91 -27.75
N ASP A 531 3.14 3.86 -28.96
CA ASP A 531 3.12 5.01 -29.85
C ASP A 531 1.70 5.26 -30.34
N PRO A 532 1.03 6.34 -29.95
CA PRO A 532 -0.36 6.57 -30.40
C PRO A 532 -0.49 6.85 -31.88
N GLU A 533 0.60 6.84 -32.64
CA GLU A 533 0.54 7.05 -34.09
C GLU A 533 0.75 5.76 -34.88
N SER A 534 1.18 4.69 -34.23
CA SER A 534 1.33 3.42 -34.92
C SER A 534 -0.02 2.87 -35.34
N ILE A 535 -0.03 2.05 -36.38
CA ILE A 535 -1.27 1.47 -36.88
C ILE A 535 -1.90 0.55 -35.85
N TYR A 536 -1.08 0.00 -34.93
CA TYR A 536 -1.63 -0.82 -33.86
C TYR A 536 -2.45 0.02 -32.89
N SER A 537 -1.89 1.16 -32.46
CA SER A 537 -2.63 2.05 -31.55
C SER A 537 -3.84 2.67 -32.23
N LYS A 538 -3.78 2.85 -33.54
CA LYS A 538 -4.93 3.40 -34.26
C LYS A 538 -6.11 2.42 -34.21
N GLU A 539 -5.84 1.12 -34.33
CA GLU A 539 -6.92 0.15 -34.28
C GLU A 539 -7.43 -0.07 -32.86
N ILE A 540 -6.57 0.04 -31.86
CA ILE A 540 -7.02 -0.03 -30.48
C ILE A 540 -8.00 1.09 -30.19
N ILE A 541 -7.69 2.30 -30.63
CA ILE A 541 -8.55 3.45 -30.37
C ILE A 541 -9.91 3.25 -31.02
N SER A 542 -9.94 2.70 -32.24
CA SER A 542 -11.20 2.48 -32.92
C SER A 542 -12.04 1.42 -32.24
N LEU A 543 -11.40 0.41 -31.64
CA LEU A 543 -12.16 -0.62 -30.94
C LEU A 543 -12.70 -0.12 -29.61
N VAL A 544 -11.91 0.70 -28.90
CA VAL A 544 -12.38 1.28 -27.65
C VAL A 544 -13.50 2.28 -27.90
N ARG A 545 -13.38 3.07 -28.98
CA ARG A 545 -14.45 3.98 -29.37
C ARG A 545 -15.75 3.23 -29.60
N GLU A 546 -15.67 2.00 -30.11
CA GLU A 546 -16.87 1.22 -30.36
C GLU A 546 -17.45 0.67 -29.05
N LEU A 547 -16.59 0.32 -28.10
CA LEU A 547 -17.06 -0.28 -26.85
C LEU A 547 -17.84 0.71 -25.99
N VAL A 548 -17.55 2.00 -26.13
CA VAL A 548 -18.25 2.99 -25.31
C VAL A 548 -19.50 3.54 -26.03
N ASN A 549 -19.49 3.55 -27.37
CA ASN A 549 -20.62 4.06 -28.13
C ASN A 549 -21.70 3.01 -28.33
N ASN A 550 -21.31 1.74 -28.51
CA ASN A 550 -22.26 0.67 -28.79
C ASN A 550 -22.58 -0.05 -27.49
N LYS A 551 -23.48 0.54 -26.71
CA LYS A 551 -23.98 -0.13 -25.52
C LYS A 551 -24.91 -1.28 -25.85
N LYS A 552 -25.33 -1.42 -27.11
CA LYS A 552 -26.05 -2.61 -27.54
C LYS A 552 -25.15 -3.84 -27.58
N GLU A 553 -23.83 -3.63 -27.53
CA GLU A 553 -22.89 -4.75 -27.51
C GLU A 553 -22.90 -5.43 -26.16
N THR A 554 -23.09 -6.75 -26.15
CA THR A 554 -23.18 -7.52 -24.92
C THR A 554 -22.53 -8.88 -25.13
N GLN A 555 -21.84 -9.36 -24.09
CA GLN A 555 -21.15 -10.65 -24.10
C GLN A 555 -20.04 -10.71 -25.14
N ASP A 556 -20.37 -10.41 -26.41
CA ASP A 556 -19.34 -10.34 -27.44
C ASP A 556 -18.39 -9.15 -27.24
N ILE A 557 -18.58 -8.37 -26.18
CA ILE A 557 -17.56 -7.41 -25.78
C ILE A 557 -16.25 -8.13 -25.51
N ASN A 558 -16.33 -9.35 -24.98
CA ASN A 558 -15.15 -10.17 -24.79
C ASN A 558 -14.42 -10.42 -26.11
N GLU A 559 -15.16 -10.51 -27.21
CA GLU A 559 -14.53 -10.68 -28.51
C GLU A 559 -13.68 -9.48 -28.88
N ILE A 560 -14.20 -8.27 -28.67
CA ILE A 560 -13.42 -7.06 -28.94
C ILE A 560 -12.24 -6.96 -27.98
N GLU A 561 -12.47 -7.30 -26.71
CA GLU A 561 -11.40 -7.22 -25.72
C GLU A 561 -10.22 -8.12 -26.09
N ASN A 562 -10.52 -9.32 -26.61
CA ASN A 562 -9.44 -10.22 -27.02
C ASN A 562 -8.65 -9.65 -28.19
N ARG A 563 -9.32 -8.95 -29.10
CA ARG A 563 -8.61 -8.33 -30.21
C ARG A 563 -7.70 -7.21 -29.72
N ILE A 564 -8.06 -6.55 -28.62
CA ILE A 564 -7.21 -5.50 -28.08
C ILE A 564 -5.98 -6.10 -27.42
N GLU A 565 -6.11 -7.26 -26.78
CA GLU A 565 -4.97 -7.90 -26.12
C GLU A 565 -3.88 -8.22 -27.14
N LYS A 566 -4.26 -8.76 -28.30
CA LYS A 566 -3.28 -9.05 -29.32
C LYS A 566 -2.71 -7.79 -29.94
N LEU A 567 -3.52 -6.73 -30.02
CA LEU A 567 -3.04 -5.46 -30.56
C LEU A 567 -2.05 -4.79 -29.62
N ILE A 568 -2.34 -4.81 -28.32
CA ILE A 568 -1.41 -4.24 -27.35
C ILE A 568 -0.10 -5.01 -27.35
N LEU A 569 -0.17 -6.33 -27.51
CA LEU A 569 1.04 -7.14 -27.58
C LEU A 569 1.89 -6.77 -28.79
N ARG A 570 1.25 -6.51 -29.92
CA ARG A 570 2.00 -6.07 -31.10
C ARG A 570 2.47 -4.62 -30.96
N ALA A 571 1.74 -3.82 -30.19
CA ALA A 571 2.14 -2.42 -29.99
C ALA A 571 3.41 -2.33 -29.14
N PHE A 572 3.54 -3.22 -28.16
CA PHE A 572 4.73 -3.27 -27.30
C PHE A 572 5.76 -4.28 -27.78
N ASP A 573 5.46 -5.05 -28.83
CA ASP A 573 6.39 -6.01 -29.43
C ASP A 573 6.80 -7.08 -28.41
N ILE A 574 5.80 -7.89 -28.05
CA ILE A 574 5.97 -8.93 -27.05
C ILE A 574 4.79 -9.88 -27.17
N GLU A 575 4.97 -11.13 -26.75
CA GLU A 575 3.91 -12.13 -26.79
C GLU A 575 3.54 -12.66 -25.41
N SER A 576 4.10 -12.08 -24.34
CA SER A 576 3.85 -12.50 -22.96
C SER A 576 4.10 -13.99 -22.76
#